data_2ODL
#
_entry.id   2ODL
#
_cell.length_a   121.438
_cell.length_b   121.438
_cell.length_c   50.582
_cell.angle_alpha   90.00
_cell.angle_beta   90.00
_cell.angle_gamma   90.00
#
_symmetry.space_group_name_H-M   'I 4'
#
loop_
_entity.id
_entity.type
_entity.pdbx_description
1 polymer Adhesin
2 water water
#
_entity_poly.entity_id   1
_entity_poly.type   'polypeptide(L)'
_entity_poly.pdbx_seq_one_letter_code
;SGLQG(MSE)DVVHGTAT(MSE)QVDGNKTIIRNSVDAIINWKQFNIDQNE(MSE)VQFLQENNNSAVFNRVTSNQISQL
KGILDSNGQVFLINPNGITIGKDAIINTNGFTASTLDISNENIKARNFTFEQTKDKALAEIVNHGLITVGKDGSVNLIGG
KVKNEGVISVNGGSISLLAGQKITISDIINPTITYSIAAPENEAVNLGDIFAKGGNINVRAATIRNQGKLSADSVSKDKS
GNIVLSAKEGEAEIGGVISAQNQQAKGGKL(MSE)ITGDKVTLKTGAVIDLSGKEGGETYLGGDERGEGKNGIQLAKKTS
LEKGSTINVSGKEKGGRAIVWGDIALIDGNINAQGSGDIAKTGGFVETSGHDLFIKDNAIVDAKEWLLD
;
_entity_poly.pdbx_strand_id   A
#
# COMPACT_ATOMS: atom_id res chain seq x y z
N GLY A 2 3.73 -14.41 24.99
CA GLY A 2 4.23 -15.18 23.82
C GLY A 2 5.62 -14.77 23.37
N LEU A 3 6.25 -13.88 24.13
CA LEU A 3 7.63 -13.44 23.85
C LEU A 3 8.64 -14.38 24.49
N GLN A 4 9.44 -15.06 23.68
CA GLN A 4 10.40 -16.01 24.20
C GLN A 4 11.79 -15.85 23.61
N GLY A 5 12.81 -16.09 24.43
CA GLY A 5 14.19 -16.19 23.94
C GLY A 5 14.77 -14.87 23.49
N MSE A 6 14.53 -13.82 24.26
CA MSE A 6 15.04 -12.49 23.94
C MSE A 6 16.56 -12.47 23.96
O MSE A 6 17.18 -12.98 24.89
CB MSE A 6 14.50 -11.46 24.93
CG MSE A 6 14.96 -10.04 24.69
SE MSE A 6 14.22 -8.88 26.08
CE MSE A 6 14.77 -7.14 25.43
N ASP A 7 17.14 -11.88 22.93
CA ASP A 7 18.59 -11.76 22.82
C ASP A 7 18.92 -10.45 22.12
N VAL A 8 19.32 -9.45 22.89
CA VAL A 8 19.65 -8.12 22.35
C VAL A 8 21.02 -8.14 21.68
N VAL A 9 21.03 -8.02 20.37
CA VAL A 9 22.27 -8.17 19.62
C VAL A 9 22.88 -6.83 19.19
N HIS A 10 22.11 -5.75 19.33
CA HIS A 10 22.64 -4.41 19.18
C HIS A 10 21.90 -3.45 20.11
N GLY A 11 22.65 -2.68 20.88
CA GLY A 11 22.05 -1.71 21.77
C GLY A 11 21.69 -2.37 23.09
N THR A 12 20.69 -1.81 23.77
CA THR A 12 20.27 -2.33 25.06
C THR A 12 18.74 -2.33 25.14
N ALA A 13 18.18 -3.34 25.81
CA ALA A 13 16.74 -3.40 26.00
C ALA A 13 16.41 -4.19 27.27
N THR A 14 15.58 -3.61 28.14
CA THR A 14 15.15 -4.29 29.35
C THR A 14 13.68 -4.66 29.25
N MSE A 15 13.28 -5.71 29.95
CA MSE A 15 11.92 -6.20 29.91
C MSE A 15 11.32 -6.17 31.31
O MSE A 15 11.92 -6.69 32.26
CB MSE A 15 11.88 -7.63 29.33
CG MSE A 15 10.56 -7.98 28.65
SE MSE A 15 10.16 -9.92 28.50
CE MSE A 15 11.51 -10.45 27.19
N GLN A 16 10.15 -5.57 31.44
CA GLN A 16 9.41 -5.53 32.68
C GLN A 16 8.05 -6.17 32.45
N VAL A 17 7.71 -7.18 33.24
CA VAL A 17 6.41 -7.83 33.11
C VAL A 17 5.50 -7.44 34.27
N ASP A 18 4.32 -6.92 33.94
CA ASP A 18 3.32 -6.61 34.96
C ASP A 18 1.97 -7.24 34.62
N GLY A 19 1.78 -8.49 35.01
CA GLY A 19 0.57 -9.21 34.66
C GLY A 19 0.56 -9.55 33.18
N ASN A 20 -0.49 -9.14 32.48
CA ASN A 20 -0.64 -9.43 31.06
C ASN A 20 0.11 -8.43 30.19
N LYS A 21 0.89 -7.57 30.82
CA LYS A 21 1.62 -6.52 30.12
C LYS A 21 3.12 -6.66 30.25
N THR A 22 3.80 -6.60 29.11
CA THR A 22 5.25 -6.55 29.05
C THR A 22 5.70 -5.20 28.51
N ILE A 23 6.60 -4.55 29.24
CA ILE A 23 7.17 -3.28 28.79
C ILE A 23 8.65 -3.49 28.44
N ILE A 24 8.99 -3.20 27.19
CA ILE A 24 10.37 -3.26 26.76
C ILE A 24 10.88 -1.83 26.58
N ARG A 25 11.91 -1.46 27.33
CA ARG A 25 12.57 -0.19 27.16
C ARG A 25 13.84 -0.40 26.33
N ASN A 26 13.85 0.09 25.10
CA ASN A 26 14.99 -0.12 24.22
C ASN A 26 15.74 1.16 23.86
N SER A 27 17.04 1.00 23.56
CA SER A 27 17.86 2.11 23.06
C SER A 27 17.47 2.40 21.62
N VAL A 28 17.88 3.56 21.12
CA VAL A 28 17.50 3.96 19.77
C VAL A 28 18.10 3.00 18.76
N ASP A 29 17.22 2.38 17.97
CA ASP A 29 17.61 1.52 16.87
C ASP A 29 18.20 0.19 17.32
N ALA A 30 17.83 -0.25 18.52
CA ALA A 30 18.25 -1.54 19.05
C ALA A 30 17.75 -2.69 18.16
N ILE A 31 18.53 -3.76 18.09
CA ILE A 31 18.12 -4.97 17.39
C ILE A 31 18.00 -6.09 18.40
N ILE A 32 16.85 -6.76 18.39
CA ILE A 32 16.57 -7.85 19.32
C ILE A 32 16.17 -9.09 18.53
N ASN A 33 16.86 -10.20 18.77
CA ASN A 33 16.44 -11.50 18.25
C ASN A 33 15.53 -12.20 19.26
N TRP A 34 14.65 -13.06 18.77
CA TRP A 34 13.68 -13.76 19.59
C TRP A 34 13.51 -15.18 19.08
N LYS A 35 13.33 -16.13 19.99
CA LYS A 35 12.90 -17.47 19.62
C LYS A 35 11.40 -17.52 19.31
N GLN A 36 10.64 -16.65 19.97
CA GLN A 36 9.20 -16.53 19.67
C GLN A 36 8.71 -15.10 19.87
N PHE A 37 7.98 -14.58 18.88
CA PHE A 37 7.40 -13.25 19.02
C PHE A 37 5.91 -13.33 18.78
N ASN A 38 5.17 -13.71 19.82
CA ASN A 38 3.74 -13.89 19.79
C ASN A 38 3.13 -12.94 20.83
N ILE A 39 1.92 -12.46 20.55
CA ILE A 39 1.20 -11.65 21.54
C ILE A 39 -0.19 -12.24 21.66
N ASP A 40 -0.44 -12.92 22.77
CA ASP A 40 -1.70 -13.64 22.93
C ASP A 40 -2.85 -12.67 23.14
N GLN A 41 -4.07 -13.19 23.03
CA GLN A 41 -5.25 -12.33 22.93
C GLN A 41 -5.44 -11.33 24.06
N ASN A 42 -5.10 -11.73 25.28
CA ASN A 42 -5.30 -10.86 26.42
C ASN A 42 -4.00 -10.18 26.87
N GLU A 43 -2.97 -10.31 26.04
CA GLU A 43 -1.64 -9.75 26.29
C GLU A 43 -1.48 -8.36 25.70
N MSE A 44 -0.59 -7.59 26.32
CA MSE A 44 -0.19 -6.28 25.81
C MSE A 44 1.33 -6.20 25.83
O MSE A 44 1.96 -6.55 26.81
CB MSE A 44 -0.77 -5.18 26.70
CG MSE A 44 -2.27 -5.00 26.59
SE MSE A 44 -3.02 -4.34 28.27
CE MSE A 44 -2.90 -6.00 29.29
N VAL A 45 1.91 -5.74 24.72
CA VAL A 45 3.35 -5.49 24.67
C VAL A 45 3.57 -4.02 24.33
N GLN A 46 4.42 -3.36 25.11
CA GLN A 46 4.76 -1.97 24.86
C GLN A 46 6.26 -1.82 24.66
N PHE A 47 6.65 -1.13 23.58
CA PHE A 47 8.03 -0.72 23.40
C PHE A 47 8.08 0.76 23.79
N LEU A 48 8.70 1.02 24.94
CA LEU A 48 8.82 2.37 25.43
C LEU A 48 10.18 2.91 24.98
N GLN A 49 10.17 3.77 23.97
CA GLN A 49 11.42 4.25 23.36
C GLN A 49 11.78 5.67 23.80
N GLU A 50 13.01 6.09 23.51
CA GLU A 50 13.54 7.35 24.03
C GLU A 50 12.92 8.59 23.41
N ASN A 51 12.43 8.44 22.18
CA ASN A 51 11.67 9.49 21.52
C ASN A 51 10.80 8.86 20.44
N ASN A 52 9.94 9.66 19.82
CA ASN A 52 8.92 9.13 18.90
C ASN A 52 9.48 8.76 17.53
N ASN A 53 10.73 9.11 17.28
CA ASN A 53 11.40 8.80 16.03
C ASN A 53 12.31 7.58 16.17
N SER A 54 12.44 7.08 17.38
CA SER A 54 13.25 5.90 17.65
C SER A 54 12.61 4.66 17.03
N ALA A 55 13.44 3.74 16.56
CA ALA A 55 12.96 2.46 16.04
C ALA A 55 13.52 1.29 16.86
N VAL A 56 12.83 0.17 16.82
CA VAL A 56 13.33 -1.04 17.45
C VAL A 56 13.14 -2.16 16.46
N PHE A 57 14.17 -2.96 16.29
CA PHE A 57 14.17 -4.01 15.28
C PHE A 57 14.11 -5.35 15.96
N ASN A 58 13.07 -6.12 15.65
CA ASN A 58 12.82 -7.42 16.24
C ASN A 58 12.88 -8.50 15.16
N ARG A 59 13.60 -9.58 15.45
CA ARG A 59 13.77 -10.67 14.50
C ARG A 59 13.50 -12.03 15.17
N VAL A 60 12.59 -12.81 14.58
CA VAL A 60 12.42 -14.19 15.02
C VAL A 60 13.41 -15.07 14.24
N THR A 61 14.24 -15.80 14.98
CA THR A 61 15.31 -16.60 14.37
C THR A 61 14.98 -18.10 14.36
N SER A 62 13.85 -18.46 14.96
CA SER A 62 13.41 -19.85 15.00
C SER A 62 12.44 -20.13 13.86
N ASN A 63 11.68 -21.22 13.97
CA ASN A 63 10.69 -21.57 12.95
C ASN A 63 9.28 -21.07 13.29
N GLN A 64 9.18 -20.27 14.33
CA GLN A 64 7.87 -19.97 14.90
C GLN A 64 7.20 -18.77 14.21
N ILE A 65 6.07 -19.03 13.54
CA ILE A 65 5.23 -17.99 12.96
C ILE A 65 4.81 -16.99 14.05
N SER A 66 4.77 -15.69 13.72
CA SER A 66 4.34 -14.68 14.69
C SER A 66 2.83 -14.55 14.72
N GLN A 67 2.24 -14.86 15.87
CA GLN A 67 0.79 -14.75 16.06
C GLN A 67 0.52 -13.55 16.94
N LEU A 68 0.15 -12.43 16.31
CA LEU A 68 -0.09 -11.18 17.02
C LEU A 68 -1.59 -10.96 17.26
N LYS A 69 -2.08 -11.38 18.44
CA LYS A 69 -3.52 -11.44 18.70
C LYS A 69 -3.98 -10.36 19.68
N GLY A 70 -3.07 -9.85 20.48
CA GLY A 70 -3.39 -8.85 21.49
C GLY A 70 -2.95 -7.46 21.07
N ILE A 71 -2.39 -6.71 22.01
CA ILE A 71 -2.03 -5.32 21.73
C ILE A 71 -0.52 -5.14 21.64
N LEU A 72 -0.07 -4.48 20.56
CA LEU A 72 1.34 -4.10 20.43
C LEU A 72 1.39 -2.60 20.29
N ASP A 73 2.07 -1.90 21.21
CA ASP A 73 2.14 -0.45 21.09
C ASP A 73 3.51 0.15 21.38
N SER A 74 3.71 1.36 20.87
CA SER A 74 4.99 2.06 21.05
C SER A 74 4.85 3.52 20.69
N ASN A 75 5.62 4.37 21.35
CA ASN A 75 5.68 5.79 20.98
C ASN A 75 6.57 6.00 19.77
N GLY A 76 7.40 4.99 19.48
CA GLY A 76 8.28 5.05 18.33
C GLY A 76 7.91 4.04 17.25
N GLN A 77 8.90 3.67 16.45
CA GLN A 77 8.67 2.74 15.34
C GLN A 77 9.03 1.33 15.75
N VAL A 78 8.22 0.37 15.31
CA VAL A 78 8.47 -1.05 15.58
C VAL A 78 8.60 -1.84 14.29
N PHE A 79 9.68 -2.62 14.22
CA PHE A 79 10.05 -3.40 13.06
C PHE A 79 10.04 -4.86 13.51
N LEU A 80 9.32 -5.71 12.78
CA LEU A 80 9.29 -7.13 13.06
C LEU A 80 9.63 -7.93 11.81
N ILE A 81 10.69 -8.73 11.91
CA ILE A 81 11.15 -9.64 10.86
C ILE A 81 10.89 -11.09 11.25
N ASN A 82 10.18 -11.83 10.42
CA ASN A 82 9.88 -13.22 10.71
C ASN A 82 9.61 -13.95 9.40
N PRO A 83 10.62 -14.67 8.89
CA PRO A 83 10.51 -15.35 7.61
C PRO A 83 9.56 -16.54 7.64
N ASN A 84 9.03 -16.86 8.81
CA ASN A 84 8.02 -17.91 8.97
C ASN A 84 6.60 -17.43 8.68
N GLY A 85 6.42 -16.11 8.66
CA GLY A 85 5.07 -15.52 8.48
C GLY A 85 4.67 -14.74 9.72
N ILE A 86 3.77 -13.77 9.54
CA ILE A 86 3.26 -12.93 10.60
C ILE A 86 1.75 -12.81 10.40
N THR A 87 0.98 -13.19 11.42
CA THR A 87 -0.48 -13.17 11.33
C THR A 87 -1.02 -12.28 12.43
N ILE A 88 -1.75 -11.25 12.04
CA ILE A 88 -2.36 -10.33 13.00
C ILE A 88 -3.83 -10.71 13.11
N GLY A 89 -4.26 -11.10 14.31
CA GLY A 89 -5.62 -11.61 14.52
C GLY A 89 -6.69 -10.54 14.58
N LYS A 90 -7.95 -10.98 14.53
CA LYS A 90 -9.07 -10.07 14.33
C LYS A 90 -9.26 -9.05 15.44
N ASP A 91 -8.85 -9.37 16.66
CA ASP A 91 -9.00 -8.42 17.77
C ASP A 91 -7.71 -7.70 18.12
N ALA A 92 -6.67 -7.92 17.32
CA ALA A 92 -5.37 -7.31 17.58
C ALA A 92 -5.38 -5.82 17.24
N ILE A 93 -4.66 -5.02 18.04
CA ILE A 93 -4.40 -3.62 17.72
C ILE A 93 -2.90 -3.40 17.75
N ILE A 94 -2.35 -2.92 16.63
CA ILE A 94 -0.94 -2.52 16.54
C ILE A 94 -0.93 -1.00 16.41
N ASN A 95 -0.51 -0.32 17.49
CA ASN A 95 -0.62 1.13 17.63
C ASN A 95 0.76 1.72 17.88
N THR A 96 1.36 2.31 16.86
CA THR A 96 2.75 2.74 16.94
C THR A 96 2.93 4.08 16.22
N ASN A 97 4.15 4.60 16.19
CA ASN A 97 4.47 5.68 15.26
C ASN A 97 5.21 5.16 14.03
N GLY A 98 4.88 3.95 13.62
CA GLY A 98 5.49 3.34 12.46
C GLY A 98 5.64 1.84 12.70
N PHE A 99 5.09 1.04 11.78
CA PHE A 99 5.10 -0.41 11.93
C PHE A 99 5.54 -1.05 10.63
N THR A 100 6.60 -1.85 10.72
CA THR A 100 7.11 -2.60 9.56
C THR A 100 7.11 -4.06 9.95
N ALA A 101 6.42 -4.87 9.17
CA ALA A 101 6.42 -6.31 9.37
C ALA A 101 6.91 -6.94 8.06
N SER A 102 7.94 -7.78 8.15
CA SER A 102 8.56 -8.36 6.95
C SER A 102 8.77 -9.86 7.11
N THR A 103 8.41 -10.63 6.09
CA THR A 103 8.84 -12.02 6.07
C THR A 103 10.13 -12.16 5.25
N LEU A 104 10.57 -11.08 4.62
CA LEU A 104 11.83 -11.07 3.89
C LEU A 104 12.95 -10.67 4.84
N ASP A 105 14.10 -11.31 4.71
CA ASP A 105 15.17 -11.07 5.65
C ASP A 105 15.94 -9.78 5.36
N ILE A 106 16.50 -9.21 6.42
CA ILE A 106 17.42 -8.10 6.30
C ILE A 106 18.52 -8.26 7.35
N SER A 107 19.78 -8.11 6.93
CA SER A 107 20.93 -8.33 7.81
C SER A 107 21.08 -7.25 8.87
N ASN A 108 21.77 -7.60 9.95
CA ASN A 108 22.07 -6.63 10.99
C ASN A 108 22.89 -5.51 10.38
N GLU A 109 23.77 -5.86 9.47
CA GLU A 109 24.65 -4.88 8.83
C GLU A 109 23.87 -3.83 8.05
N ASN A 110 22.85 -4.25 7.32
CA ASN A 110 22.01 -3.33 6.56
C ASN A 110 21.11 -2.47 7.44
N ILE A 111 20.58 -3.05 8.50
CA ILE A 111 19.82 -2.29 9.50
C ILE A 111 20.69 -1.16 10.04
N LYS A 112 21.90 -1.50 10.50
CA LYS A 112 22.81 -0.51 11.11
C LYS A 112 23.23 0.57 10.11
N ALA A 113 23.38 0.18 8.85
CA ALA A 113 23.69 1.15 7.78
C ALA A 113 22.46 1.92 7.30
N ARG A 114 21.27 1.52 7.78
CA ARG A 114 20.01 2.08 7.30
C ARG A 114 19.88 1.87 5.78
N ASN A 115 20.34 0.71 5.35
CA ASN A 115 20.19 0.29 3.98
C ASN A 115 19.05 -0.71 3.99
N PHE A 116 17.83 -0.22 3.77
CA PHE A 116 16.63 -1.06 3.93
C PHE A 116 16.34 -1.96 2.72
N THR A 117 17.25 -2.91 2.50
CA THR A 117 17.12 -3.91 1.45
C THR A 117 16.70 -5.25 2.04
N PHE A 118 15.55 -5.75 1.59
CA PHE A 118 14.97 -6.99 2.07
C PHE A 118 15.05 -8.03 0.97
N GLU A 119 15.37 -9.28 1.33
CA GLU A 119 15.42 -10.36 0.35
C GLU A 119 14.85 -11.66 0.92
N GLN A 120 14.08 -12.35 0.09
CA GLN A 120 13.55 -13.66 0.41
C GLN A 120 14.70 -14.65 0.66
N THR A 121 14.66 -15.31 1.81
CA THR A 121 15.59 -16.42 2.05
C THR A 121 15.29 -17.59 1.13
N LYS A 122 16.34 -18.17 0.56
CA LYS A 122 16.22 -19.39 -0.25
C LYS A 122 15.95 -20.60 0.63
N ASP A 123 16.23 -20.47 1.92
CA ASP A 123 16.20 -21.61 2.85
C ASP A 123 14.83 -21.88 3.45
N LYS A 124 13.86 -21.04 3.12
CA LYS A 124 12.49 -21.21 3.63
C LYS A 124 11.48 -20.94 2.52
N ALA A 125 10.30 -21.55 2.64
CA ALA A 125 9.25 -21.32 1.67
C ALA A 125 8.76 -19.88 1.79
N LEU A 126 8.11 -19.38 0.75
CA LEU A 126 7.45 -18.07 0.80
C LEU A 126 6.52 -18.08 1.99
N ALA A 127 6.46 -16.97 2.71
CA ALA A 127 5.56 -16.86 3.83
C ALA A 127 4.64 -15.66 3.65
N GLU A 128 3.66 -15.53 4.54
CA GLU A 128 2.61 -14.54 4.35
C GLU A 128 2.52 -13.56 5.52
N ILE A 129 2.21 -12.30 5.22
CA ILE A 129 1.74 -11.36 6.24
C ILE A 129 0.25 -11.20 6.03
N VAL A 130 -0.53 -11.55 7.03
CA VAL A 130 -1.97 -11.34 6.96
C VAL A 130 -2.42 -10.46 8.09
N ASN A 131 -3.13 -9.39 7.78
CA ASN A 131 -3.72 -8.58 8.81
C ASN A 131 -5.23 -8.81 8.87
N HIS A 132 -5.71 -9.28 10.01
CA HIS A 132 -7.14 -9.40 10.30
C HIS A 132 -7.59 -8.30 11.26
N GLY A 133 -6.63 -7.60 11.86
CA GLY A 133 -6.95 -6.67 12.92
C GLY A 133 -6.78 -5.22 12.55
N LEU A 134 -6.40 -4.42 13.53
CA LEU A 134 -6.25 -2.98 13.31
C LEU A 134 -4.79 -2.54 13.42
N ILE A 135 -4.24 -2.02 12.32
CA ILE A 135 -2.88 -1.47 12.36
C ILE A 135 -3.04 0.02 12.19
N THR A 136 -2.64 0.78 13.20
CA THR A 136 -2.98 2.20 13.26
C THR A 136 -1.79 3.07 13.66
N VAL A 137 -1.68 4.22 13.01
CA VAL A 137 -0.68 5.23 13.35
C VAL A 137 -1.42 6.56 13.46
N GLY A 138 -1.40 7.16 14.65
CA GLY A 138 -2.13 8.41 14.91
C GLY A 138 -1.35 9.63 14.51
N LYS A 139 -0.02 9.52 14.50
CA LYS A 139 0.83 10.65 14.10
C LYS A 139 1.35 10.56 12.67
N ASP A 140 2.65 10.78 12.49
CA ASP A 140 3.22 10.96 11.15
C ASP A 140 3.83 9.70 10.51
N GLY A 141 3.93 8.62 11.28
CA GLY A 141 4.59 7.40 10.83
C GLY A 141 3.93 6.64 9.69
N SER A 142 4.60 5.58 9.24
CA SER A 142 4.17 4.76 8.11
C SER A 142 3.95 3.30 8.51
N VAL A 143 3.27 2.55 7.64
CA VAL A 143 3.11 1.11 7.82
C VAL A 143 3.68 0.44 6.59
N ASN A 144 4.61 -0.48 6.79
CA ASN A 144 5.17 -1.26 5.68
C ASN A 144 4.94 -2.74 5.95
N LEU A 145 4.24 -3.41 5.05
CA LEU A 145 4.05 -4.85 5.15
C LEU A 145 4.75 -5.49 3.96
N ILE A 146 5.80 -6.26 4.26
CA ILE A 146 6.70 -6.77 3.26
C ILE A 146 6.77 -8.28 3.39
N GLY A 147 6.45 -9.01 2.33
CA GLY A 147 6.45 -10.47 2.47
C GLY A 147 6.41 -11.24 1.17
N GLY A 148 6.32 -12.55 1.27
CA GLY A 148 6.15 -13.40 0.10
C GLY A 148 4.78 -13.18 -0.50
N LYS A 149 3.77 -13.17 0.36
CA LYS A 149 2.42 -12.74 0.02
C LYS A 149 2.00 -11.78 1.11
N VAL A 150 1.25 -10.74 0.74
CA VAL A 150 0.79 -9.78 1.71
C VAL A 150 -0.73 -9.63 1.54
N LYS A 151 -1.45 -9.82 2.63
CA LYS A 151 -2.91 -9.82 2.56
C LYS A 151 -3.53 -9.02 3.69
N ASN A 152 -4.31 -7.99 3.34
CA ASN A 152 -5.08 -7.24 4.33
C ASN A 152 -6.56 -7.64 4.33
N GLU A 153 -7.03 -8.19 5.44
CA GLU A 153 -8.44 -8.51 5.61
C GLU A 153 -9.05 -7.60 6.65
N GLY A 154 -8.21 -6.85 7.36
CA GLY A 154 -8.66 -5.96 8.41
C GLY A 154 -8.58 -4.51 8.00
N VAL A 155 -8.09 -3.68 8.92
CA VAL A 155 -7.96 -2.26 8.67
C VAL A 155 -6.55 -1.79 8.91
N ILE A 156 -5.99 -1.02 7.97
CA ILE A 156 -4.71 -0.31 8.17
C ILE A 156 -4.98 1.17 8.01
N SER A 157 -4.59 1.97 9.00
CA SER A 157 -4.99 3.37 9.02
C SER A 157 -3.85 4.24 9.54
N VAL A 158 -3.44 5.24 8.75
CA VAL A 158 -2.41 6.18 9.18
C VAL A 158 -2.93 7.62 9.05
N ASN A 159 -2.16 8.59 9.51
CA ASN A 159 -2.62 9.99 9.47
C ASN A 159 -1.75 10.86 8.58
N GLY A 160 -1.87 10.66 7.27
CA GLY A 160 -1.13 11.45 6.30
C GLY A 160 0.22 10.88 5.90
N GLY A 161 0.63 9.82 6.57
CA GLY A 161 1.87 9.11 6.23
C GLY A 161 1.66 8.15 5.07
N SER A 162 2.49 7.11 5.00
CA SER A 162 2.42 6.12 3.93
C SER A 162 2.05 4.72 4.44
N ILE A 163 1.29 3.98 3.62
CA ILE A 163 1.04 2.57 3.85
C ILE A 163 1.50 1.83 2.60
N SER A 164 2.39 0.85 2.78
CA SER A 164 2.93 0.13 1.64
C SER A 164 2.76 -1.37 1.85
N LEU A 165 2.18 -2.05 0.85
CA LEU A 165 2.06 -3.53 0.84
C LEU A 165 2.97 -4.03 -0.27
N LEU A 166 4.08 -4.65 0.11
CA LEU A 166 5.15 -4.97 -0.82
C LEU A 166 5.44 -6.46 -0.81
N ALA A 167 5.14 -7.14 -1.92
CA ALA A 167 5.38 -8.56 -2.00
C ALA A 167 6.36 -8.79 -3.13
N GLY A 168 7.45 -9.49 -2.84
CA GLY A 168 8.49 -9.70 -3.82
C GLY A 168 9.59 -10.62 -3.32
N GLN A 169 10.58 -10.83 -4.17
CA GLN A 169 11.76 -11.62 -3.85
C GLN A 169 12.82 -10.68 -3.29
N LYS A 170 12.83 -9.45 -3.81
CA LYS A 170 13.77 -8.42 -3.34
C LYS A 170 13.12 -7.05 -3.37
N ILE A 171 13.23 -6.32 -2.28
CA ILE A 171 12.57 -5.03 -2.10
C ILE A 171 13.59 -4.11 -1.42
N THR A 172 13.83 -2.95 -2.00
CA THR A 172 14.60 -1.93 -1.29
C THR A 172 13.72 -0.70 -1.13
N ILE A 173 13.64 -0.19 0.09
CA ILE A 173 12.96 1.07 0.31
C ILE A 173 13.93 2.13 0.81
N SER A 174 13.65 3.38 0.46
CA SER A 174 14.55 4.51 0.74
C SER A 174 14.63 4.78 2.24
N ASP A 175 13.55 4.47 2.96
CA ASP A 175 13.46 4.66 4.40
C ASP A 175 12.30 3.79 4.93
N ILE A 176 12.15 3.70 6.25
CA ILE A 176 11.00 3.03 6.82
C ILE A 176 9.87 4.03 7.13
N ILE A 177 10.18 5.32 6.99
CA ILE A 177 9.18 6.38 7.04
C ILE A 177 9.01 7.00 5.65
N ASN A 178 7.76 7.04 5.18
CA ASN A 178 7.46 7.56 3.84
C ASN A 178 8.43 7.03 2.80
N PRO A 179 8.43 5.70 2.62
CA PRO A 179 9.36 5.05 1.71
C PRO A 179 9.06 5.32 0.23
N THR A 180 10.13 5.42 -0.55
CA THR A 180 10.07 5.27 -1.98
C THR A 180 10.65 3.89 -2.25
N ILE A 181 10.02 3.13 -3.15
CA ILE A 181 10.54 1.81 -3.48
C ILE A 181 11.61 2.01 -4.53
N THR A 182 12.87 1.83 -4.15
CA THR A 182 13.95 2.08 -5.08
C THR A 182 14.39 0.84 -5.84
N TYR A 183 13.97 -0.34 -5.39
CA TYR A 183 14.24 -1.56 -6.12
C TYR A 183 13.18 -2.59 -5.78
N SER A 184 12.72 -3.32 -6.78
CA SER A 184 11.72 -4.37 -6.52
C SER A 184 11.71 -5.43 -7.61
N ILE A 185 11.71 -6.70 -7.19
CA ILE A 185 11.57 -7.83 -8.09
C ILE A 185 10.62 -8.82 -7.45
N ALA A 186 9.60 -9.24 -8.19
CA ALA A 186 8.63 -10.22 -7.69
C ALA A 186 8.50 -11.42 -8.62
N ALA A 187 8.34 -12.60 -8.03
CA ALA A 187 8.05 -13.82 -8.75
C ALA A 187 6.54 -13.91 -8.87
N PRO A 188 6.03 -14.74 -9.81
CA PRO A 188 4.59 -14.81 -10.02
C PRO A 188 3.78 -15.12 -8.76
N GLU A 189 4.38 -15.83 -7.82
CA GLU A 189 3.63 -16.24 -6.63
C GLU A 189 3.55 -15.11 -5.57
N ASN A 190 4.32 -14.04 -5.80
CA ASN A 190 4.31 -12.87 -4.91
C ASN A 190 3.09 -12.02 -5.19
N GLU A 191 2.10 -12.08 -4.31
CA GLU A 191 0.81 -11.43 -4.49
C GLU A 191 0.51 -10.48 -3.33
N ALA A 192 -0.15 -9.36 -3.63
CA ALA A 192 -0.62 -8.47 -2.58
C ALA A 192 -2.14 -8.39 -2.73
N VAL A 193 -2.85 -8.68 -1.65
CA VAL A 193 -4.31 -8.78 -1.72
C VAL A 193 -4.97 -7.89 -0.66
N ASN A 194 -5.87 -7.02 -1.10
CA ASN A 194 -6.62 -6.21 -0.15
C ASN A 194 -8.09 -6.54 -0.15
N LEU A 195 -8.54 -7.20 0.90
CA LEU A 195 -9.94 -7.49 1.06
C LEU A 195 -10.58 -6.52 2.05
N GLY A 196 -9.77 -5.95 2.94
CA GLY A 196 -10.25 -5.02 3.96
C GLY A 196 -10.16 -3.58 3.51
N ASP A 197 -9.88 -2.70 4.45
CA ASP A 197 -9.82 -1.26 4.19
C ASP A 197 -8.47 -0.69 4.59
N ILE A 198 -7.97 0.21 3.76
CA ILE A 198 -6.69 0.89 3.96
C ILE A 198 -6.94 2.39 3.82
N PHE A 199 -6.58 3.15 4.85
CA PHE A 199 -6.86 4.59 4.93
C PHE A 199 -5.58 5.37 5.23
N ALA A 200 -5.22 6.31 4.35
CA ALA A 200 -4.04 7.16 4.58
C ALA A 200 -4.35 8.66 4.85
N LYS A 201 -5.63 9.04 4.85
CA LYS A 201 -5.99 10.42 5.20
C LYS A 201 -5.11 11.46 4.50
N GLY A 202 -5.10 11.48 3.17
CA GLY A 202 -4.29 12.48 2.46
C GLY A 202 -2.86 12.06 2.15
N GLY A 203 -2.45 10.93 2.71
CA GLY A 203 -1.09 10.42 2.55
C GLY A 203 -0.90 9.53 1.33
N ASN A 204 0.01 8.57 1.44
CA ASN A 204 0.33 7.70 0.31
C ASN A 204 -0.05 6.25 0.56
N ILE A 205 -0.49 5.58 -0.51
CA ILE A 205 -0.64 4.13 -0.48
C ILE A 205 0.19 3.57 -1.63
N ASN A 206 1.07 2.63 -1.30
CA ASN A 206 1.87 1.94 -2.31
C ASN A 206 1.59 0.46 -2.24
N VAL A 207 1.37 -0.17 -3.39
CA VAL A 207 1.23 -1.62 -3.43
C VAL A 207 2.10 -2.11 -4.57
N ARG A 208 2.95 -3.08 -4.30
CA ARG A 208 3.84 -3.64 -5.30
C ARG A 208 3.88 -5.14 -5.13
N ALA A 209 3.63 -5.88 -6.22
CA ALA A 209 3.70 -7.34 -6.21
C ALA A 209 3.75 -7.80 -7.66
N ALA A 210 3.79 -9.11 -7.90
CA ALA A 210 3.64 -9.58 -9.27
C ALA A 210 2.18 -9.44 -9.67
N THR A 211 1.30 -9.85 -8.77
CA THR A 211 -0.14 -9.69 -8.96
C THR A 211 -0.78 -8.96 -7.79
N ILE A 212 -1.63 -7.99 -8.10
CA ILE A 212 -2.38 -7.24 -7.08
C ILE A 212 -3.88 -7.50 -7.20
N ARG A 213 -4.53 -7.85 -6.09
CA ARG A 213 -5.98 -8.01 -6.12
C ARG A 213 -6.60 -7.09 -5.10
N ASN A 214 -7.45 -6.18 -5.57
CA ASN A 214 -8.23 -5.35 -4.65
C ASN A 214 -9.73 -5.67 -4.71
N GLN A 215 -10.28 -6.05 -3.57
CA GLN A 215 -11.71 -6.26 -3.45
C GLN A 215 -12.30 -5.32 -2.42
N GLY A 216 -11.44 -4.75 -1.57
CA GLY A 216 -11.85 -3.83 -0.52
C GLY A 216 -11.63 -2.38 -0.90
N LYS A 217 -11.20 -1.57 0.06
CA LYS A 217 -11.05 -0.13 -0.14
C LYS A 217 -9.63 0.35 0.08
N LEU A 218 -9.12 1.10 -0.90
CA LEU A 218 -7.88 1.83 -0.75
C LEU A 218 -8.26 3.30 -0.77
N SER A 219 -8.11 3.96 0.37
CA SER A 219 -8.54 5.34 0.49
C SER A 219 -7.40 6.24 0.96
N ALA A 220 -7.16 7.31 0.20
CA ALA A 220 -6.25 8.38 0.61
C ALA A 220 -7.03 9.70 0.59
N ASP A 221 -8.32 9.60 0.89
CA ASP A 221 -9.23 10.74 0.98
C ASP A 221 -8.71 11.79 1.94
N SER A 222 -8.92 13.05 1.60
CA SER A 222 -8.56 14.15 2.46
C SER A 222 -9.76 15.05 2.69
N VAL A 223 -9.88 15.58 3.91
CA VAL A 223 -10.86 16.65 4.19
C VAL A 223 -10.15 17.97 4.50
N SER A 224 -8.87 18.04 4.13
CA SER A 224 -8.09 19.28 4.27
C SER A 224 -7.61 19.77 2.92
N LYS A 225 -7.78 21.06 2.66
CA LYS A 225 -7.41 21.66 1.40
C LYS A 225 -5.92 21.61 1.15
N ASP A 226 -5.15 21.40 2.21
CA ASP A 226 -3.70 21.52 2.12
C ASP A 226 -2.98 20.25 1.68
N LYS A 227 -3.73 19.18 1.50
CA LYS A 227 -3.10 17.86 1.25
C LYS A 227 -4.04 16.94 0.49
N SER A 228 -3.54 16.36 -0.59
CA SER A 228 -4.28 15.34 -1.34
C SER A 228 -3.42 14.10 -1.49
N GLY A 229 -4.07 12.94 -1.54
CA GLY A 229 -3.36 11.66 -1.45
C GLY A 229 -2.75 11.20 -2.76
N ASN A 230 -1.94 10.16 -2.65
CA ASN A 230 -1.30 9.58 -3.82
C ASN A 230 -1.28 8.07 -3.66
N ILE A 231 -1.80 7.36 -4.65
CA ILE A 231 -1.93 5.91 -4.56
C ILE A 231 -1.23 5.33 -5.77
N VAL A 232 -0.31 4.39 -5.54
CA VAL A 232 0.46 3.80 -6.65
C VAL A 232 0.39 2.27 -6.53
N LEU A 233 -0.08 1.61 -7.58
CA LEU A 233 -0.09 0.15 -7.59
C LEU A 233 0.73 -0.32 -8.77
N SER A 234 1.64 -1.25 -8.55
CA SER A 234 2.46 -1.77 -9.66
C SER A 234 2.49 -3.30 -9.58
N ALA A 235 1.84 -3.96 -10.55
CA ALA A 235 1.85 -5.42 -10.63
C ALA A 235 2.74 -5.77 -11.81
N LYS A 236 4.04 -5.47 -11.68
CA LYS A 236 4.89 -5.42 -12.84
C LYS A 236 4.95 -6.75 -13.61
N GLU A 237 5.06 -7.84 -12.87
CA GLU A 237 5.28 -9.15 -13.51
C GLU A 237 3.99 -9.90 -13.81
N GLY A 238 2.85 -9.34 -13.42
CA GLY A 238 1.57 -10.04 -13.52
C GLY A 238 0.41 -9.11 -13.77
N GLU A 239 -0.69 -9.32 -13.05
CA GLU A 239 -1.92 -8.58 -13.29
C GLU A 239 -2.31 -7.72 -12.09
N ALA A 240 -2.79 -6.52 -12.37
CA ALA A 240 -3.51 -5.72 -11.37
C ALA A 240 -5.00 -5.95 -11.60
N GLU A 241 -5.59 -6.75 -10.73
CA GLU A 241 -7.02 -7.06 -10.81
C GLU A 241 -7.76 -6.15 -9.85
N ILE A 242 -8.36 -5.09 -10.37
CA ILE A 242 -8.90 -4.05 -9.51
C ILE A 242 -10.42 -4.08 -9.40
N GLY A 243 -10.90 -4.62 -8.28
CA GLY A 243 -12.30 -4.52 -7.89
C GLY A 243 -12.38 -3.51 -6.75
N GLY A 244 -13.51 -3.52 -6.04
CA GLY A 244 -13.65 -2.68 -4.85
C GLY A 244 -13.64 -1.19 -5.12
N VAL A 245 -13.12 -0.44 -4.15
CA VAL A 245 -13.14 1.01 -4.22
C VAL A 245 -11.73 1.55 -4.03
N ILE A 246 -11.30 2.41 -4.94
CA ILE A 246 -10.06 3.17 -4.71
C ILE A 246 -10.47 4.62 -4.70
N SER A 247 -10.18 5.32 -3.60
CA SER A 247 -10.60 6.70 -3.46
C SER A 247 -9.45 7.61 -3.02
N ALA A 248 -9.37 8.79 -3.61
CA ALA A 248 -8.52 9.86 -3.07
C ALA A 248 -9.22 11.19 -3.35
N GLN A 249 -10.40 11.35 -2.75
CA GLN A 249 -11.16 12.59 -2.91
C GLN A 249 -10.56 13.74 -2.14
N ASN A 250 -10.89 14.95 -2.59
CA ASN A 250 -10.66 16.13 -1.78
C ASN A 250 -11.63 17.23 -2.18
N GLN A 251 -12.80 17.22 -1.54
CA GLN A 251 -13.84 18.18 -1.91
C GLN A 251 -13.51 19.62 -1.51
N GLN A 252 -12.34 19.82 -0.88
CA GLN A 252 -11.86 21.15 -0.51
C GLN A 252 -10.88 21.73 -1.53
N ALA A 253 -10.43 20.90 -2.47
CA ALA A 253 -9.37 21.30 -3.41
C ALA A 253 -9.32 20.33 -4.59
N LYS A 254 -8.11 19.89 -4.95
CA LYS A 254 -7.97 18.98 -6.10
C LYS A 254 -7.95 17.55 -5.58
N GLY A 255 -8.63 16.64 -6.29
CA GLY A 255 -8.55 15.22 -5.97
C GLY A 255 -7.11 14.73 -6.06
N GLY A 256 -6.84 13.57 -5.45
CA GLY A 256 -5.50 12.99 -5.47
C GLY A 256 -5.15 12.30 -6.78
N LYS A 257 -4.03 11.58 -6.75
CA LYS A 257 -3.51 10.92 -7.94
C LYS A 257 -3.53 9.42 -7.75
N LEU A 258 -3.81 8.70 -8.84
CA LEU A 258 -3.81 7.25 -8.81
C LEU A 258 -3.06 6.73 -10.02
N MSE A 259 -2.06 5.88 -9.79
CA MSE A 259 -1.37 5.22 -10.89
C MSE A 259 -1.46 3.74 -10.68
O MSE A 259 -1.10 3.24 -9.61
CB MSE A 259 0.10 5.66 -10.94
CG MSE A 259 0.94 4.90 -11.96
SE MSE A 259 2.66 5.79 -12.35
CE MSE A 259 3.25 6.19 -10.53
N ILE A 260 -1.95 3.04 -11.69
CA ILE A 260 -2.00 1.58 -11.64
C ILE A 260 -1.32 1.06 -12.90
N THR A 261 -0.23 0.35 -12.73
CA THR A 261 0.46 -0.24 -13.86
C THR A 261 0.75 -1.71 -13.58
N GLY A 262 1.15 -2.43 -14.61
CA GLY A 262 1.48 -3.85 -14.47
C GLY A 262 1.53 -4.43 -15.88
N ASP A 263 1.80 -5.72 -15.98
CA ASP A 263 1.78 -6.35 -17.31
C ASP A 263 0.33 -6.42 -17.82
N LYS A 264 -0.61 -6.57 -16.91
CA LYS A 264 -2.04 -6.52 -17.26
C LYS A 264 -2.80 -5.71 -16.21
N VAL A 265 -3.70 -4.85 -16.66
CA VAL A 265 -4.47 -4.00 -15.77
C VAL A 265 -5.94 -4.16 -16.09
N THR A 266 -6.74 -4.54 -15.09
CA THR A 266 -8.18 -4.73 -15.24
C THR A 266 -8.97 -3.99 -14.17
N LEU A 267 -9.90 -3.14 -14.59
CA LEU A 267 -10.81 -2.50 -13.65
C LEU A 267 -12.13 -3.22 -13.81
N LYS A 268 -12.53 -3.95 -12.77
CA LYS A 268 -13.59 -4.93 -12.91
C LYS A 268 -14.97 -4.30 -12.83
N THR A 269 -15.95 -4.99 -13.39
CA THR A 269 -17.36 -4.60 -13.23
C THR A 269 -17.67 -4.31 -11.77
N GLY A 270 -18.28 -3.16 -11.52
CA GLY A 270 -18.62 -2.77 -10.16
C GLY A 270 -17.57 -1.96 -9.43
N ALA A 271 -16.33 -1.97 -9.92
CA ALA A 271 -15.23 -1.23 -9.27
C ALA A 271 -15.40 0.28 -9.42
N VAL A 272 -15.02 1.03 -8.39
CA VAL A 272 -15.08 2.48 -8.46
C VAL A 272 -13.72 3.09 -8.16
N ILE A 273 -13.26 3.96 -9.05
CA ILE A 273 -12.16 4.87 -8.75
C ILE A 273 -12.74 6.27 -8.57
N ASP A 274 -12.54 6.85 -7.39
CA ASP A 274 -13.12 8.18 -7.07
C ASP A 274 -12.00 9.14 -6.66
N LEU A 275 -11.65 10.03 -7.58
CA LEU A 275 -10.63 11.03 -7.37
C LEU A 275 -11.24 12.43 -7.49
N SER A 276 -12.53 12.53 -7.14
CA SER A 276 -13.25 13.79 -7.30
C SER A 276 -12.89 14.83 -6.23
N GLY A 277 -13.22 16.09 -6.48
CA GLY A 277 -12.96 17.17 -5.53
C GLY A 277 -13.62 18.43 -6.04
N LYS A 278 -13.17 19.60 -5.58
CA LYS A 278 -13.56 20.87 -6.20
C LYS A 278 -13.02 20.87 -7.63
N GLU A 279 -11.77 20.44 -7.77
CA GLU A 279 -11.19 20.09 -9.07
C GLU A 279 -10.87 18.59 -9.07
N GLY A 280 -11.16 17.90 -10.17
CA GLY A 280 -10.95 16.45 -10.23
C GLY A 280 -9.48 16.08 -10.20
N GLY A 281 -9.18 14.90 -9.65
CA GLY A 281 -7.80 14.44 -9.58
C GLY A 281 -7.31 13.83 -10.87
N GLU A 282 -6.29 12.98 -10.78
CA GLU A 282 -5.60 12.49 -11.96
C GLU A 282 -5.26 11.01 -11.84
N THR A 283 -5.53 10.25 -12.89
CA THR A 283 -5.16 8.82 -12.90
C THR A 283 -4.42 8.38 -14.17
N TYR A 284 -3.43 7.51 -14.01
CA TYR A 284 -2.77 6.86 -15.14
C TYR A 284 -2.99 5.38 -14.95
N LEU A 285 -3.54 4.72 -15.96
CA LEU A 285 -3.88 3.30 -15.86
C LEU A 285 -3.30 2.55 -17.04
N GLY A 286 -2.27 1.75 -16.80
CA GLY A 286 -1.71 0.91 -17.84
C GLY A 286 -0.58 1.55 -18.64
N GLY A 287 -0.33 2.83 -18.42
CA GLY A 287 0.79 3.50 -19.08
C GLY A 287 0.44 4.98 -19.20
N ASP A 288 1.14 5.68 -20.09
CA ASP A 288 1.03 7.13 -20.18
C ASP A 288 0.47 7.60 -21.54
N GLU A 289 0.62 8.89 -21.82
CA GLU A 289 0.07 9.47 -23.05
C GLU A 289 0.68 8.84 -24.30
N ARG A 290 -0.19 8.38 -25.20
CA ARG A 290 0.24 7.77 -26.47
C ARG A 290 1.17 6.56 -26.32
N GLY A 291 1.20 5.97 -25.13
CA GLY A 291 2.05 4.82 -24.89
C GLY A 291 3.52 5.13 -25.06
N GLU A 292 3.92 6.38 -24.82
CA GLU A 292 5.33 6.75 -24.98
C GLU A 292 6.24 6.06 -23.98
N GLY A 293 5.73 5.79 -22.79
CA GLY A 293 6.55 5.20 -21.72
C GLY A 293 7.55 6.19 -21.13
N LYS A 294 7.12 7.43 -20.93
CA LYS A 294 7.97 8.45 -20.32
C LYS A 294 8.17 8.15 -18.83
N ASN A 295 9.28 8.63 -18.29
CA ASN A 295 9.57 8.52 -16.87
C ASN A 295 9.65 7.07 -16.40
N GLY A 296 9.89 6.16 -17.35
CA GLY A 296 10.08 4.74 -17.06
C GLY A 296 8.82 3.95 -16.72
N ILE A 297 7.66 4.55 -16.96
CA ILE A 297 6.37 3.93 -16.66
C ILE A 297 6.18 2.66 -17.47
N GLN A 298 5.56 1.66 -16.84
CA GLN A 298 5.33 0.39 -17.51
C GLN A 298 4.10 0.47 -18.40
N LEU A 299 4.24 -0.04 -19.64
CA LEU A 299 3.11 -0.15 -20.55
C LEU A 299 2.51 -1.55 -20.47
N ALA A 300 1.25 -1.63 -20.04
CA ALA A 300 0.56 -2.93 -19.96
C ALA A 300 0.41 -3.56 -21.35
N LYS A 301 0.53 -4.88 -21.43
CA LYS A 301 0.20 -5.58 -22.65
C LYS A 301 -1.31 -5.58 -22.92
N LYS A 302 -2.10 -5.50 -21.85
CA LYS A 302 -3.55 -5.48 -22.00
C LYS A 302 -4.16 -4.72 -20.85
N THR A 303 -4.98 -3.73 -21.18
CA THR A 303 -5.71 -2.97 -20.20
C THR A 303 -7.19 -3.05 -20.54
N SER A 304 -7.99 -3.42 -19.55
CA SER A 304 -9.43 -3.57 -19.75
C SER A 304 -10.23 -2.85 -18.67
N LEU A 305 -11.03 -1.89 -19.07
CA LEU A 305 -11.97 -1.25 -18.16
C LEU A 305 -13.32 -1.88 -18.46
N GLU A 306 -13.84 -2.67 -17.52
CA GLU A 306 -15.00 -3.53 -17.80
C GLU A 306 -16.31 -2.77 -17.69
N LYS A 307 -17.35 -3.33 -18.30
CA LYS A 307 -18.68 -2.74 -18.21
C LYS A 307 -19.01 -2.51 -16.74
N GLY A 308 -19.63 -1.39 -16.43
CA GLY A 308 -20.12 -1.15 -15.07
C GLY A 308 -19.04 -0.74 -14.09
N SER A 309 -17.84 -0.47 -14.62
CA SER A 309 -16.77 0.11 -13.81
C SER A 309 -16.83 1.63 -13.95
N THR A 310 -16.33 2.33 -12.94
CA THR A 310 -16.41 3.78 -12.94
C THR A 310 -15.08 4.43 -12.58
N ILE A 311 -14.68 5.40 -13.39
CA ILE A 311 -13.59 6.28 -13.05
C ILE A 311 -14.17 7.65 -12.90
N ASN A 312 -14.13 8.16 -11.67
CA ASN A 312 -14.64 9.48 -11.35
C ASN A 312 -13.50 10.47 -11.10
N VAL A 313 -13.20 11.29 -12.11
CA VAL A 313 -12.23 12.38 -11.96
C VAL A 313 -12.94 13.73 -12.17
N SER A 314 -14.22 13.76 -11.79
CA SER A 314 -15.03 14.97 -11.86
C SER A 314 -14.66 15.97 -10.78
N GLY A 315 -15.09 17.22 -10.99
CA GLY A 315 -14.85 18.28 -10.03
C GLY A 315 -16.11 19.09 -9.94
N LYS A 316 -16.40 19.63 -8.75
CA LYS A 316 -17.51 20.55 -8.60
C LYS A 316 -17.29 21.75 -9.51
N GLU A 317 -16.04 22.17 -9.63
CA GLU A 317 -15.73 23.31 -10.45
C GLU A 317 -15.08 22.94 -11.78
N LYS A 318 -14.21 21.94 -11.75
CA LYS A 318 -13.37 21.64 -12.90
C LYS A 318 -13.02 20.15 -12.91
N GLY A 319 -13.18 19.52 -14.07
CA GLY A 319 -12.87 18.10 -14.21
C GLY A 319 -11.38 17.82 -14.19
N GLY A 320 -11.02 16.58 -13.90
CA GLY A 320 -9.61 16.20 -13.81
C GLY A 320 -9.14 15.50 -15.07
N ARG A 321 -8.36 14.44 -14.87
CA ARG A 321 -7.60 13.87 -15.96
C ARG A 321 -7.47 12.36 -15.80
N ALA A 322 -7.73 11.63 -16.89
CA ALA A 322 -7.63 10.17 -16.89
C ALA A 322 -6.93 9.69 -18.15
N ILE A 323 -5.79 9.05 -17.95
CA ILE A 323 -4.97 8.56 -19.04
C ILE A 323 -4.91 7.04 -18.99
N VAL A 324 -5.34 6.39 -20.07
CA VAL A 324 -5.43 4.94 -20.11
C VAL A 324 -4.66 4.40 -21.31
N TRP A 325 -3.77 3.45 -21.07
CA TRP A 325 -3.01 2.78 -22.12
C TRP A 325 -3.04 1.26 -21.95
N GLY A 326 -3.18 0.57 -23.07
CA GLY A 326 -2.91 -0.87 -23.09
C GLY A 326 -2.48 -1.20 -24.50
N ASP A 327 -1.42 -2.00 -24.64
CA ASP A 327 -1.03 -2.45 -25.98
C ASP A 327 -2.28 -2.95 -26.70
N ILE A 328 -3.06 -3.78 -25.99
CA ILE A 328 -4.46 -3.98 -26.31
C ILE A 328 -5.21 -3.24 -25.22
N ALA A 329 -6.13 -2.36 -25.64
CA ALA A 329 -6.91 -1.54 -24.72
C ALA A 329 -8.41 -1.69 -24.99
N LEU A 330 -9.14 -2.11 -23.95
CA LEU A 330 -10.56 -2.43 -24.05
C LEU A 330 -11.30 -1.48 -23.10
N ILE A 331 -12.11 -0.58 -23.65
CA ILE A 331 -12.75 0.47 -22.86
C ILE A 331 -14.26 0.27 -22.88
N ASP A 332 -14.84 -0.09 -21.73
CA ASP A 332 -16.26 -0.45 -21.69
C ASP A 332 -16.99 0.09 -20.48
N GLY A 333 -16.33 0.92 -19.67
CA GLY A 333 -16.93 1.42 -18.45
C GLY A 333 -17.29 2.90 -18.55
N ASN A 334 -17.54 3.52 -17.40
CA ASN A 334 -17.84 4.94 -17.33
C ASN A 334 -16.60 5.74 -16.92
N ILE A 335 -16.31 6.83 -17.64
CA ILE A 335 -15.27 7.76 -17.23
C ILE A 335 -15.88 9.16 -17.14
N ASN A 336 -16.02 9.65 -15.91
CA ASN A 336 -16.61 10.94 -15.62
C ASN A 336 -15.56 12.02 -15.32
N ALA A 337 -15.37 12.95 -16.26
CA ALA A 337 -14.43 14.05 -16.07
C ALA A 337 -15.18 15.38 -16.19
N GLN A 338 -16.39 15.40 -15.66
CA GLN A 338 -17.24 16.58 -15.73
C GLN A 338 -16.77 17.63 -14.75
N GLY A 339 -16.99 18.89 -15.12
CA GLY A 339 -16.81 20.00 -14.20
C GLY A 339 -18.19 20.49 -13.79
N SER A 340 -18.39 21.81 -13.77
CA SER A 340 -19.65 22.37 -13.27
C SER A 340 -20.76 22.46 -14.32
N GLY A 341 -20.75 23.54 -15.10
CA GLY A 341 -21.87 23.88 -15.96
C GLY A 341 -21.85 23.13 -17.27
N ASP A 342 -21.13 23.68 -18.24
CA ASP A 342 -21.01 22.98 -19.51
C ASP A 342 -19.63 22.36 -19.61
N ILE A 343 -19.60 21.17 -20.19
CA ILE A 343 -18.41 20.36 -20.28
C ILE A 343 -17.35 20.98 -21.20
N ALA A 344 -17.82 21.67 -22.24
CA ALA A 344 -16.92 22.28 -23.21
C ALA A 344 -16.05 23.35 -22.58
N LYS A 345 -16.43 23.81 -21.38
CA LYS A 345 -15.71 24.87 -20.72
C LYS A 345 -14.91 24.38 -19.50
N THR A 346 -15.52 23.53 -18.68
CA THR A 346 -14.90 23.15 -17.41
C THR A 346 -14.59 21.65 -17.29
N GLY A 347 -14.88 20.90 -18.34
CA GLY A 347 -14.66 19.45 -18.33
C GLY A 347 -13.19 19.09 -18.32
N GLY A 348 -12.89 17.84 -17.98
CA GLY A 348 -11.52 17.39 -17.94
C GLY A 348 -11.06 16.74 -19.22
N PHE A 349 -9.97 16.00 -19.11
CA PHE A 349 -9.27 15.46 -20.26
C PHE A 349 -9.16 13.96 -20.08
N VAL A 350 -9.59 13.21 -21.09
CA VAL A 350 -9.52 11.76 -21.05
C VAL A 350 -8.83 11.23 -22.30
N GLU A 351 -7.81 10.42 -22.10
CA GLU A 351 -7.14 9.74 -23.21
C GLU A 351 -7.19 8.24 -23.00
N THR A 352 -7.67 7.53 -24.01
CA THR A 352 -7.69 6.08 -23.98
C THR A 352 -7.08 5.60 -25.30
N SER A 353 -5.93 4.93 -25.23
CA SER A 353 -5.26 4.48 -26.45
C SER A 353 -4.56 3.14 -26.28
N GLY A 354 -4.15 2.57 -27.41
CA GLY A 354 -3.42 1.31 -27.44
C GLY A 354 -3.01 1.10 -28.87
N HIS A 355 -2.23 0.06 -29.16
CA HIS A 355 -1.95 -0.27 -30.55
C HIS A 355 -3.21 -0.84 -31.18
N ASP A 356 -3.90 -1.68 -30.41
CA ASP A 356 -5.24 -2.12 -30.76
C ASP A 356 -6.21 -1.58 -29.70
N LEU A 357 -6.99 -0.56 -30.08
CA LEU A 357 -7.95 0.09 -29.18
C LEU A 357 -9.38 -0.36 -29.49
N PHE A 358 -10.10 -0.81 -28.46
CA PHE A 358 -11.49 -1.22 -28.63
C PHE A 358 -12.35 -0.38 -27.70
N ILE A 359 -13.02 0.62 -28.29
CA ILE A 359 -14.06 1.34 -27.57
C ILE A 359 -15.31 0.51 -27.73
N LYS A 360 -15.66 -0.18 -26.64
CA LYS A 360 -16.74 -1.15 -26.60
C LYS A 360 -18.06 -0.46 -26.32
N ASP A 361 -19.16 -1.19 -26.47
CA ASP A 361 -20.46 -0.55 -26.58
C ASP A 361 -21.04 0.05 -25.32
N ASN A 362 -20.55 -0.36 -24.16
CA ASN A 362 -21.05 0.21 -22.90
C ASN A 362 -20.28 1.43 -22.44
N ALA A 363 -19.25 1.82 -23.20
CA ALA A 363 -18.38 2.91 -22.80
C ALA A 363 -19.10 4.25 -22.81
N ILE A 364 -18.90 5.02 -21.74
CA ILE A 364 -19.46 6.36 -21.62
C ILE A 364 -18.36 7.26 -21.06
N VAL A 365 -17.98 8.28 -21.81
CA VAL A 365 -16.95 9.21 -21.37
C VAL A 365 -17.51 10.62 -21.44
N ASP A 366 -17.51 11.29 -20.29
CA ASP A 366 -17.96 12.67 -20.19
C ASP A 366 -16.77 13.58 -19.91
N ALA A 367 -16.26 14.23 -20.95
CA ALA A 367 -15.07 15.07 -20.83
C ALA A 367 -15.13 16.25 -21.78
N LYS A 368 -14.30 17.26 -21.50
CA LYS A 368 -14.12 18.38 -22.42
C LYS A 368 -13.45 17.87 -23.68
N GLU A 369 -12.46 17.00 -23.49
CA GLU A 369 -11.74 16.37 -24.58
C GLU A 369 -11.51 14.88 -24.30
N TRP A 370 -11.93 14.04 -25.25
CA TRP A 370 -11.66 12.60 -25.21
C TRP A 370 -10.83 12.18 -26.45
N LEU A 371 -9.55 11.88 -26.22
CA LEU A 371 -8.58 11.49 -27.24
C LEU A 371 -8.46 9.98 -27.39
N LEU A 372 -8.41 9.50 -28.64
CA LEU A 372 -8.28 8.06 -28.90
C LEU A 372 -6.89 7.62 -29.39
N ASP A 373 -5.89 8.47 -29.22
CA ASP A 373 -4.54 8.09 -29.65
C ASP A 373 -3.49 8.42 -28.60
#